data_7MYS
#
_entry.id   7MYS
#
_cell.length_a   65.960
_cell.length_b   65.960
_cell.length_c   132.590
_cell.angle_alpha   90.000
_cell.angle_beta   90.000
_cell.angle_gamma   90.000
#
_symmetry.space_group_name_H-M   'P 41'
#
loop_
_entity.id
_entity.type
_entity.pdbx_description
1 polymer 'tRNA (guanine-N(1)-)-methyltransferase'
2 non-polymer S-ADENOSYL-L-HOMOCYSTEINE
3 water water
#
_entity_poly.entity_id   1
_entity_poly.type   'polypeptide(L)'
_entity_poly.pdbx_seq_one_letter_code
;MAHHHHHHVFFAVITLFPEMFDAITAYGISGRAAKRDIVQVTCINPRDFAEGNYRRVDERPFGGGPGMVMMAEPLAKAIN
HAKQLASRAGCVHVPVVYMSPQGKTLNEQAVQQFVDYDGLIVLCGRYEGVDERLIQHYVDQEWSIGDYVLSGGELPAMVL
LDSIIRRLPNVMSDEQSAIQDSFVDGLLDCPQYTKPDQFEGLDVPEILKSGHHANIEKWRFLQRYQRTLERRPELIEQVT
LTKQQKKWLSDEQG
;
_entity_poly.pdbx_strand_id   A,B
#
# COMPACT_ATOMS: atom_id res chain seq x y z
N HIS A 8 19.50 -12.34 10.31
CA HIS A 8 18.15 -12.87 10.36
C HIS A 8 17.13 -11.80 10.80
N VAL A 9 16.74 -10.94 9.86
CA VAL A 9 15.89 -9.81 10.18
C VAL A 9 14.60 -10.29 10.82
N PHE A 10 14.22 -9.65 11.92
CA PHE A 10 13.12 -10.11 12.75
C PHE A 10 11.93 -9.19 12.53
N PHE A 11 10.80 -9.75 12.13
CA PHE A 11 9.56 -9.00 11.98
C PHE A 11 8.51 -9.62 12.87
N ALA A 12 7.85 -8.80 13.68
CA ALA A 12 6.68 -9.20 14.45
C ALA A 12 5.56 -8.26 14.10
N VAL A 13 4.39 -8.82 13.77
CA VAL A 13 3.24 -8.01 13.43
C VAL A 13 2.15 -8.27 14.46
N ILE A 14 1.60 -7.19 15.01
CA ILE A 14 0.44 -7.26 15.90
C ILE A 14 -0.80 -7.15 15.02
N THR A 15 -1.59 -8.23 14.94
CA THR A 15 -2.66 -8.29 13.94
C THR A 15 -3.77 -9.24 14.41
N LEU A 16 -5.03 -8.83 14.19
CA LEU A 16 -6.19 -9.71 14.43
C LEU A 16 -6.32 -10.81 13.38
N PHE A 17 -5.60 -10.71 12.26
CA PHE A 17 -5.76 -11.66 11.16
C PHE A 17 -4.39 -12.16 10.72
N PRO A 18 -3.69 -12.93 11.59
CA PRO A 18 -2.34 -13.41 11.23
C PRO A 18 -2.27 -14.13 9.90
N GLU A 19 -3.33 -14.86 9.53
CA GLU A 19 -3.35 -15.58 8.26
C GLU A 19 -3.15 -14.65 7.07
N MET A 20 -3.54 -13.37 7.17
CA MET A 20 -3.33 -12.46 6.06
C MET A 20 -1.86 -12.40 5.66
N PHE A 21 -0.96 -12.55 6.63
CA PHE A 21 0.46 -12.41 6.32
C PHE A 21 1.01 -13.60 5.52
N ASP A 22 0.25 -14.68 5.39
CA ASP A 22 0.61 -15.72 4.44
C ASP A 22 0.78 -15.18 3.02
N ALA A 23 0.15 -14.03 2.72
CA ALA A 23 0.27 -13.47 1.36
C ALA A 23 1.72 -13.11 1.06
N ILE A 24 2.52 -12.80 2.08
CA ILE A 24 3.92 -12.45 1.87
C ILE A 24 4.90 -13.49 2.40
N THR A 25 4.53 -14.32 3.38
CA THR A 25 5.44 -15.35 3.85
C THR A 25 5.40 -16.64 3.03
N ALA A 26 4.40 -16.82 2.18
CA ALA A 26 4.25 -18.08 1.46
C ALA A 26 4.40 -17.95 -0.05
N TYR A 27 4.66 -16.76 -0.58
CA TYR A 27 4.70 -16.58 -2.02
C TYR A 27 5.77 -15.59 -2.43
N GLY A 28 6.31 -15.82 -3.63
CA GLY A 28 7.19 -14.89 -4.26
C GLY A 28 8.54 -14.82 -3.58
N ILE A 29 9.22 -13.71 -3.86
CA ILE A 29 10.56 -13.51 -3.35
C ILE A 29 10.53 -13.37 -1.83
N SER A 30 9.50 -12.72 -1.30
CA SER A 30 9.39 -12.60 0.15
C SER A 30 9.18 -13.97 0.82
N GLY A 31 8.40 -14.84 0.17
CA GLY A 31 8.24 -16.18 0.70
C GLY A 31 9.52 -16.98 0.69
N ARG A 32 10.27 -16.92 -0.41
CA ARG A 32 11.54 -17.63 -0.47
C ARG A 32 12.48 -17.11 0.62
N ALA A 33 12.43 -15.81 0.90
CA ALA A 33 13.25 -15.25 1.98
C ALA A 33 12.83 -15.78 3.34
N ALA A 34 11.51 -15.90 3.57
CA ALA A 34 11.06 -16.44 4.85
C ALA A 34 11.43 -17.91 4.99
N LYS A 35 11.27 -18.67 3.91
CA LYS A 35 11.56 -20.09 3.93
C LYS A 35 13.06 -20.36 4.09
N ARG A 36 13.91 -19.48 3.54
CA ARG A 36 15.35 -19.59 3.71
C ARG A 36 15.84 -19.00 5.02
N ASP A 37 14.95 -18.46 5.86
CA ASP A 37 15.27 -17.87 7.16
C ASP A 37 16.11 -16.60 7.06
N ILE A 38 16.18 -15.98 5.89
CA ILE A 38 16.78 -14.64 5.79
C ILE A 38 15.96 -13.65 6.61
N VAL A 39 14.64 -13.82 6.63
CA VAL A 39 13.80 -13.04 7.52
C VAL A 39 12.94 -14.00 8.33
N GLN A 40 12.39 -13.48 9.41
CA GLN A 40 11.45 -14.18 10.27
C GLN A 40 10.23 -13.29 10.48
N VAL A 41 9.04 -13.83 10.27
CA VAL A 41 7.79 -13.11 10.49
C VAL A 41 7.00 -13.86 11.54
N THR A 42 6.73 -13.21 12.67
CA THR A 42 5.93 -13.77 13.75
C THR A 42 4.68 -12.93 13.93
N CYS A 43 3.53 -13.58 13.98
CA CYS A 43 2.27 -12.86 14.13
C CYS A 43 1.79 -12.97 15.56
N ILE A 44 1.39 -11.83 16.13
CA ILE A 44 0.88 -11.81 17.49
C ILE A 44 -0.54 -11.26 17.44
N ASN A 45 -1.49 -12.04 17.94
CA ASN A 45 -2.89 -11.67 17.92
C ASN A 45 -3.24 -11.00 19.24
N PRO A 46 -3.65 -9.73 19.23
CA PRO A 46 -4.03 -9.09 20.50
C PRO A 46 -5.14 -9.83 21.24
N ARG A 47 -5.98 -10.58 20.54
CA ARG A 47 -6.99 -11.34 21.26
C ARG A 47 -6.39 -12.38 22.18
N ASP A 48 -5.11 -12.75 21.97
CA ASP A 48 -4.45 -13.66 22.91
C ASP A 48 -4.03 -12.96 24.19
N PHE A 49 -4.29 -11.67 24.31
CA PHE A 49 -3.95 -10.90 25.51
C PHE A 49 -5.17 -10.13 26.02
N ALA A 50 -6.36 -10.53 25.62
CA ALA A 50 -7.58 -9.87 26.03
C ALA A 50 -8.23 -10.60 27.19
N GLU A 51 -9.15 -9.91 27.85
CA GLU A 51 -9.93 -10.45 28.95
C GLU A 51 -11.31 -10.91 28.49
N GLY A 52 -11.88 -11.86 29.22
CA GLY A 52 -13.24 -12.29 28.97
C GLY A 52 -13.33 -13.46 28.01
N ASN A 53 -14.50 -14.12 28.04
CA ASN A 53 -14.76 -15.28 27.21
C ASN A 53 -14.76 -14.95 25.72
N TYR A 54 -14.92 -13.68 25.36
CA TYR A 54 -14.94 -13.28 23.96
C TYR A 54 -13.62 -12.64 23.52
N ARG A 55 -12.75 -12.32 24.48
CA ARG A 55 -11.45 -11.72 24.20
C ARG A 55 -11.60 -10.42 23.40
N ARG A 56 -12.32 -9.48 23.99
CA ARG A 56 -12.59 -8.23 23.30
C ARG A 56 -11.33 -7.40 23.27
N VAL A 57 -11.06 -6.81 22.12
CA VAL A 57 -9.94 -5.89 21.94
C VAL A 57 -10.40 -4.53 21.48
N ASP A 58 -11.71 -4.34 21.34
CA ASP A 58 -12.31 -3.11 20.86
C ASP A 58 -13.46 -2.71 21.78
N GLU A 59 -13.75 -1.42 21.80
CA GLU A 59 -14.76 -0.86 22.71
C GLU A 59 -15.19 0.47 22.12
N ARG A 60 -16.31 0.98 22.63
CA ARG A 60 -16.92 2.17 22.06
C ARG A 60 -16.11 3.42 22.42
N PRO A 61 -16.07 4.39 21.51
CA PRO A 61 -15.22 5.57 21.72
C PRO A 61 -15.83 6.54 22.71
N PHE A 62 -14.97 7.08 23.60
CA PHE A 62 -15.37 8.24 24.37
C PHE A 62 -15.76 9.39 23.42
N GLY A 63 -16.75 10.18 23.83
CA GLY A 63 -17.27 11.24 22.99
C GLY A 63 -18.34 10.82 21.99
N GLY A 64 -18.73 9.56 22.00
CA GLY A 64 -19.69 9.10 21.00
C GLY A 64 -19.05 8.95 19.63
N GLY A 65 -19.91 8.69 18.66
CA GLY A 65 -19.40 8.47 17.34
C GLY A 65 -19.50 7.02 16.96
N PRO A 66 -19.51 6.74 15.65
CA PRO A 66 -19.69 5.38 15.18
C PRO A 66 -18.44 4.53 15.41
N GLY A 67 -18.61 3.23 15.24
CA GLY A 67 -17.48 2.35 15.20
C GLY A 67 -16.90 2.07 16.59
N MET A 68 -15.79 1.34 16.55
CA MET A 68 -15.12 0.87 17.75
C MET A 68 -13.65 1.26 17.70
N VAL A 69 -13.04 1.33 18.89
CA VAL A 69 -11.65 1.72 19.07
C VAL A 69 -10.90 0.58 19.71
N MET A 70 -9.71 0.27 19.20
CA MET A 70 -8.93 -0.82 19.78
C MET A 70 -8.43 -0.42 21.17
N MET A 71 -8.61 -1.30 22.14
CA MET A 71 -8.25 -1.00 23.51
C MET A 71 -6.73 -0.99 23.71
N ALA A 72 -6.26 -0.06 24.54
CA ALA A 72 -4.83 0.08 24.75
C ALA A 72 -4.24 -1.13 25.46
N GLU A 73 -4.99 -1.68 26.43
CA GLU A 73 -4.38 -2.67 27.33
C GLU A 73 -3.97 -3.97 26.63
N PRO A 74 -4.79 -4.59 25.76
CA PRO A 74 -4.31 -5.80 25.07
C PRO A 74 -3.15 -5.53 24.12
N LEU A 75 -3.17 -4.38 23.45
CA LEU A 75 -2.09 -4.05 22.53
C LEU A 75 -0.78 -3.80 23.28
N ALA A 76 -0.85 -3.16 24.45
CA ALA A 76 0.34 -2.97 25.27
C ALA A 76 0.97 -4.32 25.60
N LYS A 77 0.15 -5.28 26.03
CA LYS A 77 0.65 -6.61 26.34
C LYS A 77 1.20 -7.30 25.11
N ALA A 78 0.52 -7.18 23.97
CA ALA A 78 1.01 -7.78 22.74
C ALA A 78 2.36 -7.17 22.33
N ILE A 79 2.51 -5.85 22.47
CA ILE A 79 3.79 -5.22 22.12
C ILE A 79 4.91 -5.65 23.08
N ASN A 80 4.62 -5.75 24.38
CA ASN A 80 5.61 -6.26 25.32
C ASN A 80 6.08 -7.65 24.92
N HIS A 81 5.14 -8.54 24.60
CA HIS A 81 5.51 -9.89 24.18
C HIS A 81 6.42 -9.84 22.97
N ALA A 82 6.03 -9.05 21.96
CA ALA A 82 6.84 -8.84 20.76
C ALA A 82 8.23 -8.29 21.10
N LYS A 83 8.30 -7.35 22.04
CA LYS A 83 9.60 -6.83 22.47
C LYS A 83 10.43 -7.95 23.09
N GLN A 84 9.81 -8.82 23.88
CA GLN A 84 10.55 -9.91 24.50
C GLN A 84 10.97 -10.95 23.47
N LEU A 85 10.10 -11.23 22.48
CA LEU A 85 10.47 -12.13 21.39
C LEU A 85 11.71 -11.62 20.66
N ALA A 86 11.77 -10.31 20.41
CA ALA A 86 12.89 -9.73 19.66
C ALA A 86 14.17 -9.73 20.48
N SER A 87 14.08 -9.50 21.78
CA SER A 87 15.26 -9.54 22.61
C SER A 87 15.80 -10.96 22.66
N ARG A 88 14.92 -11.96 22.81
CA ARG A 88 15.38 -13.35 22.83
C ARG A 88 15.90 -13.81 21.48
N ALA A 89 15.51 -13.14 20.40
CA ALA A 89 16.01 -13.43 19.06
C ALA A 89 17.39 -12.84 18.81
N GLY A 90 17.99 -12.13 19.77
CA GLY A 90 19.30 -11.53 19.61
C GLY A 90 19.30 -10.12 19.06
N CYS A 91 18.14 -9.52 18.84
CA CYS A 91 18.07 -8.16 18.31
C CYS A 91 18.50 -7.13 19.34
N VAL A 92 19.30 -6.16 18.90
CA VAL A 92 19.71 -5.09 19.81
C VAL A 92 18.50 -4.22 20.15
N HIS A 93 17.80 -3.75 19.14
CA HIS A 93 16.66 -2.86 19.32
C HIS A 93 15.72 -2.97 18.12
N VAL A 94 14.43 -3.11 18.37
CA VAL A 94 13.46 -3.13 17.28
C VAL A 94 12.41 -2.05 17.55
N PRO A 95 12.32 -1.02 16.72
CA PRO A 95 11.28 -0.01 16.96
C PRO A 95 9.89 -0.53 16.63
N VAL A 96 8.89 0.02 17.33
CA VAL A 96 7.47 -0.25 17.04
C VAL A 96 6.98 0.76 16.02
N VAL A 97 6.49 0.27 14.89
CA VAL A 97 5.92 1.08 13.83
C VAL A 97 4.40 0.87 13.84
N TYR A 98 3.64 1.96 13.87
CA TYR A 98 2.20 1.90 13.71
C TYR A 98 1.88 2.33 12.28
N MET A 99 1.18 1.47 11.53
CA MET A 99 0.72 1.87 10.19
C MET A 99 -0.46 2.83 10.32
N SER A 100 -0.34 4.01 9.74
CA SER A 100 -1.42 4.96 9.87
C SER A 100 -1.40 5.97 8.72
N PRO A 101 -2.56 6.39 8.20
CA PRO A 101 -2.58 7.47 7.19
C PRO A 101 -2.05 8.77 7.73
N GLN A 102 -1.92 8.88 9.05
CA GLN A 102 -1.39 10.06 9.69
C GLN A 102 0.11 9.99 9.94
N GLY A 103 0.80 8.96 9.43
CA GLY A 103 2.23 8.83 9.60
C GLY A 103 3.00 9.46 8.45
N LYS A 104 4.32 9.42 8.55
CA LYS A 104 5.13 9.91 7.44
C LYS A 104 4.95 8.99 6.24
N THR A 105 5.12 9.57 5.07
CA THR A 105 4.83 8.86 3.84
C THR A 105 6.00 7.98 3.43
N LEU A 106 5.77 6.68 3.33
CA LEU A 106 6.80 5.76 2.88
C LEU A 106 7.25 6.10 1.47
N ASN A 107 8.56 6.11 1.27
CA ASN A 107 9.21 6.29 -0.03
C ASN A 107 10.54 5.54 -0.02
N GLU A 108 11.26 5.60 -1.15
CA GLU A 108 12.48 4.81 -1.30
C GLU A 108 13.51 5.18 -0.24
N GLN A 109 13.65 6.47 0.08
CA GLN A 109 14.58 6.88 1.12
C GLN A 109 14.24 6.22 2.44
N ALA A 110 12.96 6.18 2.82
CA ALA A 110 12.61 5.54 4.07
C ALA A 110 12.97 4.06 4.03
N VAL A 111 12.64 3.39 2.91
CA VAL A 111 12.94 1.96 2.77
C VAL A 111 14.42 1.70 3.00
N GLN A 112 15.28 2.54 2.41
CA GLN A 112 16.72 2.32 2.53
C GLN A 112 17.16 2.39 3.99
N GLN A 113 16.55 3.27 4.79
CA GLN A 113 16.88 3.34 6.21
C GLN A 113 16.39 2.10 6.95
N PHE A 114 15.21 1.60 6.60
CA PHE A 114 14.66 0.45 7.28
C PHE A 114 15.52 -0.80 7.08
N VAL A 115 16.20 -0.91 5.94
CA VAL A 115 17.03 -2.07 5.63
C VAL A 115 18.13 -2.24 6.67
N ASP A 116 18.62 -1.15 7.25
CA ASP A 116 19.69 -1.23 8.25
C ASP A 116 19.19 -1.72 9.60
N TYR A 117 17.87 -1.81 9.80
CA TYR A 117 17.35 -2.17 11.12
C TYR A 117 17.47 -3.66 11.39
N ASP A 118 17.64 -3.99 12.66
CA ASP A 118 17.61 -5.37 13.11
C ASP A 118 16.24 -6.00 12.88
N GLY A 119 15.21 -5.20 12.85
CA GLY A 119 13.86 -5.72 12.73
C GLY A 119 12.85 -4.67 13.11
N LEU A 120 11.58 -5.03 12.91
CA LEU A 120 10.46 -4.15 13.18
C LEU A 120 9.40 -4.92 13.97
N ILE A 121 8.70 -4.19 14.85
CA ILE A 121 7.40 -4.60 15.35
C ILE A 121 6.34 -3.70 14.71
N VAL A 122 5.43 -4.28 13.92
CA VAL A 122 4.46 -3.50 13.18
C VAL A 122 3.08 -3.74 13.79
N LEU A 123 2.44 -2.66 14.19
CA LEU A 123 1.14 -2.67 14.82
C LEU A 123 0.11 -2.39 13.74
N CYS A 124 -0.89 -3.28 13.61
CA CYS A 124 -1.91 -3.22 12.57
C CYS A 124 -3.27 -2.92 13.22
N GLY A 125 -3.81 -1.74 12.93
CA GLY A 125 -5.09 -1.38 13.51
C GLY A 125 -6.28 -1.87 12.72
N ARG A 126 -7.42 -1.92 13.41
CA ARG A 126 -8.72 -2.23 12.82
C ARG A 126 -9.77 -1.31 13.44
N TYR A 127 -11.01 -1.44 12.98
CA TYR A 127 -12.14 -0.63 13.49
C TYR A 127 -11.81 0.82 13.16
N GLU A 128 -12.17 1.78 14.01
CA GLU A 128 -11.87 3.19 13.74
C GLU A 128 -10.46 3.58 14.13
N GLY A 129 -9.69 2.67 14.72
CA GLY A 129 -8.32 2.92 15.06
C GLY A 129 -8.03 2.55 16.50
N VAL A 130 -6.86 3.01 16.96
CA VAL A 130 -6.21 2.59 18.20
C VAL A 130 -6.28 3.72 19.20
N ASP A 131 -6.51 3.39 20.48
CA ASP A 131 -6.51 4.39 21.54
C ASP A 131 -5.21 5.20 21.50
N GLU A 132 -5.37 6.53 21.57
CA GLU A 132 -4.26 7.45 21.37
C GLU A 132 -3.18 7.26 22.43
N ARG A 133 -3.57 6.91 23.66
CA ARG A 133 -2.59 6.77 24.73
C ARG A 133 -1.66 5.59 24.45
N LEU A 134 -2.18 4.52 23.85
CA LEU A 134 -1.35 3.40 23.44
C LEU A 134 -0.31 3.86 22.43
N ILE A 135 -0.72 4.63 21.44
CA ILE A 135 0.24 5.15 20.47
C ILE A 135 1.28 5.99 21.18
N GLN A 136 0.85 6.93 22.03
CA GLN A 136 1.75 7.83 22.73
C GLN A 136 2.85 7.07 23.50
N HIS A 137 2.51 5.95 24.15
CA HIS A 137 3.44 5.27 25.03
C HIS A 137 4.23 4.14 24.39
N TYR A 138 3.69 3.48 23.34
CA TYR A 138 4.23 2.22 22.81
C TYR A 138 4.75 2.27 21.40
N VAL A 139 4.55 3.36 20.69
CA VAL A 139 4.86 3.43 19.27
C VAL A 139 6.04 4.35 19.11
N ASP A 140 7.04 3.91 18.35
CA ASP A 140 8.15 4.81 18.06
C ASP A 140 7.93 5.59 16.77
N GLN A 141 7.30 4.98 15.77
CA GLN A 141 7.20 5.62 14.47
C GLN A 141 5.85 5.34 13.82
N GLU A 142 5.36 6.31 13.09
CA GLU A 142 4.11 6.16 12.36
C GLU A 142 4.40 6.31 10.87
N TRP A 143 3.93 5.36 10.08
CA TRP A 143 4.19 5.40 8.65
C TRP A 143 2.88 5.21 7.90
N SER A 144 2.73 5.98 6.83
CA SER A 144 1.62 5.81 5.90
C SER A 144 2.13 5.33 4.56
N ILE A 145 1.38 4.42 3.94
CA ILE A 145 1.74 4.00 2.59
C ILE A 145 1.09 4.88 1.52
N GLY A 146 0.31 5.88 1.91
CA GLY A 146 -0.31 6.75 0.92
C GLY A 146 -1.55 7.44 1.45
N ASP A 147 -1.94 8.49 0.72
CA ASP A 147 -3.08 9.33 1.08
C ASP A 147 -4.42 8.69 0.68
N TYR A 148 -4.70 7.54 1.29
CA TYR A 148 -5.96 6.83 1.11
C TYR A 148 -6.22 6.04 2.37
N VAL A 149 -7.46 5.60 2.57
CA VAL A 149 -7.83 4.94 3.82
C VAL A 149 -8.15 3.49 3.54
N LEU A 150 -7.47 2.59 4.22
CA LEU A 150 -7.79 1.18 4.10
C LEU A 150 -8.58 0.72 5.31
N SER A 151 -9.21 -0.45 5.17
CA SER A 151 -10.01 -0.99 6.27
C SER A 151 -9.15 -1.58 7.38
N GLY A 152 -7.84 -1.70 7.20
CA GLY A 152 -7.03 -2.29 8.25
C GLY A 152 -5.57 -2.04 8.00
N GLY A 153 -4.79 -2.13 9.06
CA GLY A 153 -3.37 -1.94 8.88
C GLY A 153 -2.58 -3.14 8.39
N GLU A 154 -3.19 -4.30 8.08
CA GLU A 154 -2.40 -5.46 7.67
C GLU A 154 -1.77 -5.28 6.29
N LEU A 155 -2.55 -4.80 5.32
CA LEU A 155 -1.98 -4.56 3.99
C LEU A 155 -0.87 -3.51 4.03
N PRO A 156 -1.03 -2.37 4.73
CA PRO A 156 0.11 -1.45 4.85
C PRO A 156 1.34 -2.10 5.47
N ALA A 157 1.15 -2.89 6.53
CA ALA A 157 2.26 -3.64 7.11
C ALA A 157 2.92 -4.51 6.05
N MET A 158 2.12 -5.21 5.24
CA MET A 158 2.69 -6.09 4.24
C MET A 158 3.44 -5.31 3.17
N VAL A 159 2.89 -4.15 2.77
CA VAL A 159 3.59 -3.29 1.82
C VAL A 159 4.93 -2.86 2.39
N LEU A 160 4.95 -2.45 3.65
CA LEU A 160 6.20 -2.02 4.26
C LEU A 160 7.18 -3.19 4.32
N LEU A 161 6.70 -4.33 4.83
CA LEU A 161 7.56 -5.49 4.97
C LEU A 161 8.09 -5.93 3.60
N ASP A 162 7.21 -6.02 2.60
CA ASP A 162 7.66 -6.44 1.27
C ASP A 162 8.71 -5.49 0.71
N SER A 163 8.50 -4.16 0.85
CA SER A 163 9.43 -3.19 0.29
C SER A 163 10.82 -3.33 0.93
N ILE A 164 10.89 -3.79 2.18
CA ILE A 164 12.16 -3.97 2.85
C ILE A 164 12.81 -5.30 2.46
N ILE A 165 12.02 -6.37 2.49
CA ILE A 165 12.57 -7.71 2.33
C ILE A 165 13.30 -7.84 1.00
N ARG A 166 12.77 -7.20 -0.04
CA ARG A 166 13.33 -7.35 -1.38
C ARG A 166 14.66 -6.61 -1.55
N ARG A 167 15.07 -5.78 -0.59
CA ARG A 167 16.35 -5.12 -0.69
C ARG A 167 17.37 -5.69 0.28
N LEU A 168 17.01 -6.72 1.01
CA LEU A 168 17.95 -7.34 1.92
C LEU A 168 18.92 -8.20 1.13
N PRO A 169 20.17 -8.27 1.58
CA PRO A 169 21.16 -9.13 0.92
C PRO A 169 20.70 -10.57 0.77
N ASN A 170 21.05 -11.14 -0.38
CA ASN A 170 20.79 -12.53 -0.77
C ASN A 170 19.33 -12.79 -1.03
N VAL A 171 18.51 -11.74 -1.08
CA VAL A 171 17.12 -11.80 -1.50
C VAL A 171 17.09 -11.27 -2.93
N ALA A 178 17.71 -5.21 -8.48
CA ALA A 178 17.13 -4.09 -7.77
C ALA A 178 17.91 -2.79 -8.01
N ILE A 179 19.04 -2.89 -8.73
CA ILE A 179 19.83 -1.70 -9.06
C ILE A 179 19.05 -0.75 -9.96
N GLN A 180 18.15 -1.28 -10.78
CA GLN A 180 17.36 -0.47 -11.71
C GLN A 180 16.02 -0.02 -11.13
N ASP A 181 15.82 -0.10 -9.81
CA ASP A 181 14.52 0.23 -9.25
C ASP A 181 14.16 1.68 -9.58
N SER A 182 12.88 1.90 -9.89
CA SER A 182 12.35 3.27 -9.88
C SER A 182 12.66 3.92 -8.54
N PHE A 183 12.95 5.22 -8.57
CA PHE A 183 13.22 6.07 -7.40
C PHE A 183 14.57 5.81 -6.73
N VAL A 184 15.23 4.68 -7.04
CA VAL A 184 16.53 4.40 -6.42
C VAL A 184 17.51 5.53 -6.73
N ASP A 185 17.51 6.00 -7.98
CA ASP A 185 18.31 7.13 -8.40
C ASP A 185 17.50 8.40 -8.61
N GLY A 186 16.28 8.45 -8.10
CA GLY A 186 15.45 9.61 -8.30
C GLY A 186 14.73 9.67 -9.64
N LEU A 187 14.93 8.70 -10.51
CA LEU A 187 14.24 8.63 -11.79
C LEU A 187 13.40 7.36 -11.86
N LEU A 188 12.43 7.35 -12.78
CA LEU A 188 11.60 6.18 -13.00
C LEU A 188 12.35 5.17 -13.88
N ASP A 189 11.96 3.90 -13.77
CA ASP A 189 12.58 2.89 -14.61
C ASP A 189 12.08 3.04 -16.05
N CYS A 190 12.90 2.56 -16.97
CA CYS A 190 12.63 2.71 -18.38
C CYS A 190 11.74 1.59 -18.88
N PRO A 191 11.09 1.76 -20.04
CA PRO A 191 10.20 0.71 -20.53
C PRO A 191 10.97 -0.58 -20.79
N GLN A 192 10.32 -1.70 -20.50
CA GLN A 192 10.93 -3.01 -20.65
C GLN A 192 10.31 -3.77 -21.83
N TYR A 193 11.14 -4.58 -22.50
CA TYR A 193 10.72 -5.34 -23.66
C TYR A 193 11.28 -6.75 -23.57
N THR A 194 10.49 -7.73 -23.97
CA THR A 194 10.94 -9.11 -24.06
C THR A 194 10.21 -9.78 -25.22
N LYS A 195 10.54 -11.05 -25.46
CA LYS A 195 10.01 -11.78 -26.60
C LYS A 195 8.49 -11.71 -26.61
N PRO A 196 7.84 -11.62 -27.79
CA PRO A 196 8.42 -11.81 -29.12
C PRO A 196 9.04 -10.57 -29.73
N ASP A 197 9.79 -10.78 -30.82
CA ASP A 197 10.42 -9.67 -31.53
C ASP A 197 9.40 -8.63 -31.97
N GLN A 198 8.23 -9.07 -32.42
CA GLN A 198 7.15 -8.17 -32.84
C GLN A 198 5.88 -8.57 -32.13
N PHE A 199 5.20 -7.59 -31.53
CA PHE A 199 3.94 -7.83 -30.84
C PHE A 199 2.86 -6.92 -31.42
N GLU A 200 1.88 -7.53 -32.08
CA GLU A 200 0.71 -6.83 -32.59
C GLU A 200 1.11 -5.57 -33.36
N GLY A 201 2.09 -5.74 -34.25
CA GLY A 201 2.57 -4.64 -35.06
C GLY A 201 3.61 -3.76 -34.41
N LEU A 202 3.88 -3.91 -33.12
CA LEU A 202 4.86 -3.07 -32.43
C LEU A 202 6.17 -3.82 -32.28
N ASP A 203 7.25 -3.21 -32.73
CA ASP A 203 8.58 -3.79 -32.63
C ASP A 203 9.36 -3.18 -31.48
N VAL A 204 10.35 -3.92 -31.01
CA VAL A 204 11.35 -3.39 -30.08
C VAL A 204 12.17 -2.32 -30.78
N PRO A 205 12.47 -1.19 -30.13
CA PRO A 205 13.50 -0.28 -30.66
C PRO A 205 14.79 -1.06 -30.94
N GLU A 206 15.36 -0.84 -32.13
CA GLU A 206 16.51 -1.61 -32.60
C GLU A 206 17.74 -1.47 -31.71
N ILE A 207 17.93 -0.29 -31.10
CA ILE A 207 19.10 -0.07 -30.24
C ILE A 207 19.21 -1.17 -29.19
N LEU A 208 18.08 -1.56 -28.60
CA LEU A 208 18.07 -2.58 -27.54
C LEU A 208 18.26 -4.00 -28.06
N LYS A 209 17.99 -4.27 -29.34
CA LYS A 209 17.88 -5.65 -29.82
C LYS A 209 19.14 -6.45 -29.51
N SER A 210 20.28 -5.99 -30.01
CA SER A 210 21.52 -6.73 -29.72
C SER A 210 22.77 -5.87 -29.90
N GLY A 211 22.65 -4.55 -29.85
CA GLY A 211 23.81 -3.70 -30.03
C GLY A 211 24.77 -3.85 -28.87
N HIS A 212 25.77 -2.98 -28.84
CA HIS A 212 26.81 -3.24 -27.88
C HIS A 212 26.38 -2.78 -26.48
N HIS A 213 27.14 -3.24 -25.48
CA HIS A 213 26.78 -3.00 -24.08
C HIS A 213 26.63 -1.51 -23.81
N ALA A 214 27.52 -0.70 -24.37
CA ALA A 214 27.58 0.73 -24.03
C ALA A 214 26.37 1.49 -24.56
N ASN A 215 26.00 1.29 -25.83
CA ASN A 215 24.94 2.10 -26.41
C ASN A 215 23.57 1.77 -25.83
N ILE A 216 23.36 0.51 -25.40
CA ILE A 216 22.11 0.17 -24.72
C ILE A 216 21.98 0.95 -23.44
N GLU A 217 23.08 1.06 -22.67
CA GLU A 217 23.05 1.83 -21.44
C GLU A 217 22.69 3.29 -21.69
N LYS A 218 23.23 3.87 -22.77
CA LYS A 218 22.90 5.25 -23.10
C LYS A 218 21.40 5.43 -23.31
N TRP A 219 20.79 4.55 -24.12
CA TRP A 219 19.37 4.65 -24.40
C TRP A 219 18.54 4.51 -23.12
N ARG A 220 18.96 3.64 -22.21
CA ARG A 220 18.23 3.42 -20.97
C ARG A 220 18.15 4.70 -20.13
N PHE A 221 19.25 5.47 -20.07
CA PHE A 221 19.20 6.71 -19.28
C PHE A 221 18.27 7.75 -19.91
N LEU A 222 18.35 7.92 -21.24
CA LEU A 222 17.48 8.87 -21.89
C LEU A 222 16.02 8.48 -21.71
N GLN A 223 15.74 7.18 -21.72
CA GLN A 223 14.38 6.71 -21.47
C GLN A 223 13.95 7.01 -20.03
N ARG A 224 14.84 6.77 -19.06
CA ARG A 224 14.49 7.09 -17.67
C ARG A 224 14.22 8.57 -17.49
N TYR A 225 15.06 9.42 -18.08
CA TYR A 225 14.89 10.87 -17.92
C TYR A 225 13.62 11.34 -18.62
N GLN A 226 13.42 10.91 -19.86
CA GLN A 226 12.24 11.37 -20.60
C GLN A 226 10.97 10.90 -19.94
N ARG A 227 10.94 9.65 -19.48
CA ARG A 227 9.76 9.14 -18.79
C ARG A 227 9.51 9.90 -17.49
N THR A 228 10.58 10.08 -16.69
CA THR A 228 10.45 10.87 -15.47
C THR A 228 9.99 12.29 -15.78
N LEU A 229 10.51 12.87 -16.87
CA LEU A 229 10.11 14.22 -17.24
C LEU A 229 8.62 14.27 -17.60
N GLU A 230 8.14 13.28 -18.37
CA GLU A 230 6.75 13.33 -18.81
C GLU A 230 5.78 13.13 -17.64
N ARG A 231 6.11 12.23 -16.72
CA ARG A 231 5.14 11.83 -15.72
C ARG A 231 5.32 12.51 -14.37
N ARG A 232 6.56 12.76 -13.96
CA ARG A 232 6.90 13.24 -12.62
C ARG A 232 7.94 14.35 -12.72
N PRO A 233 7.57 15.51 -13.27
CA PRO A 233 8.58 16.57 -13.51
C PRO A 233 9.18 17.15 -12.24
N GLU A 234 8.47 17.12 -11.11
CA GLU A 234 9.06 17.63 -9.87
C GLU A 234 10.27 16.81 -9.42
N LEU A 235 10.38 15.56 -9.88
CA LEU A 235 11.55 14.74 -9.55
C LEU A 235 12.76 15.17 -10.36
N ILE A 236 12.56 15.70 -11.58
CA ILE A 236 13.68 16.24 -12.36
C ILE A 236 14.31 17.41 -11.62
N GLU A 237 13.49 18.17 -10.87
CA GLU A 237 14.01 19.29 -10.10
C GLU A 237 15.05 18.82 -9.07
N GLN A 238 14.86 17.62 -8.50
CA GLN A 238 15.64 17.16 -7.36
C GLN A 238 16.62 16.04 -7.72
N VAL A 239 16.97 15.87 -9.00
CA VAL A 239 17.83 14.78 -9.45
C VAL A 239 19.22 15.32 -9.74
N THR A 240 20.24 14.51 -9.42
CA THR A 240 21.65 14.85 -9.68
C THR A 240 22.24 13.89 -10.69
N LEU A 241 22.84 14.43 -11.75
CA LEU A 241 23.29 13.64 -12.88
C LEU A 241 24.82 13.48 -12.86
N THR A 242 25.27 12.29 -13.22
CA THR A 242 26.68 12.06 -13.46
C THR A 242 27.13 12.83 -14.72
N LYS A 243 28.45 12.95 -14.89
CA LYS A 243 28.95 13.70 -16.03
C LYS A 243 28.59 13.03 -17.34
N GLN A 244 28.59 11.69 -17.36
CA GLN A 244 28.22 10.97 -18.58
C GLN A 244 26.76 11.23 -18.93
N GLN A 245 25.89 11.31 -17.92
CA GLN A 245 24.48 11.60 -18.16
C GLN A 245 24.26 13.03 -18.62
N LYS A 246 24.93 14.00 -17.99
CA LYS A 246 24.83 15.38 -18.44
C LYS A 246 25.24 15.50 -19.90
N LYS A 247 26.30 14.81 -20.31
CA LYS A 247 26.73 14.82 -21.70
C LYS A 247 25.61 14.36 -22.64
N TRP A 248 24.94 13.27 -22.27
CA TRP A 248 23.89 12.71 -23.11
C TRP A 248 22.74 13.70 -23.32
N LEU A 249 22.32 14.37 -22.25
CA LEU A 249 21.22 15.31 -22.33
C LEU A 249 21.52 16.44 -23.31
N SER A 250 22.66 17.13 -23.12
CA SER A 250 22.98 18.27 -23.97
C SER A 250 23.06 17.88 -25.43
N ASP A 251 23.37 16.60 -25.70
CA ASP A 251 23.40 16.13 -27.07
C ASP A 251 22.02 16.10 -27.73
N GLU A 252 20.95 16.04 -26.94
CA GLU A 252 19.59 16.08 -27.46
C GLU A 252 18.98 17.47 -27.32
N HIS B 8 -23.55 -5.43 -7.80
CA HIS B 8 -22.58 -6.49 -7.55
C HIS B 8 -21.27 -6.21 -8.31
N VAL B 9 -20.42 -5.38 -7.71
CA VAL B 9 -19.19 -4.96 -8.37
C VAL B 9 -18.28 -6.15 -8.66
N PHE B 10 -17.67 -6.15 -9.84
CA PHE B 10 -16.89 -7.25 -10.37
C PHE B 10 -15.41 -6.87 -10.38
N PHE B 11 -14.57 -7.72 -9.78
CA PHE B 11 -13.12 -7.52 -9.82
C PHE B 11 -12.44 -8.75 -10.41
N ALA B 12 -11.59 -8.54 -11.39
CA ALA B 12 -10.72 -9.59 -11.91
C ALA B 12 -9.28 -9.14 -11.77
N VAL B 13 -8.44 -10.01 -11.21
CA VAL B 13 -7.02 -9.71 -11.02
C VAL B 13 -6.19 -10.73 -11.80
N ILE B 14 -5.27 -10.24 -12.61
CA ILE B 14 -4.33 -11.07 -13.36
C ILE B 14 -3.09 -11.21 -12.49
N THR B 15 -2.81 -12.43 -12.03
CA THR B 15 -1.77 -12.62 -11.03
C THR B 15 -1.24 -14.04 -11.07
N LEU B 16 0.09 -14.17 -10.95
CA LEU B 16 0.73 -15.46 -10.83
C LEU B 16 0.44 -16.13 -9.49
N PHE B 17 -0.10 -15.39 -8.52
CA PHE B 17 -0.30 -15.89 -7.16
C PHE B 17 -1.73 -15.61 -6.72
N PRO B 18 -2.70 -16.31 -7.30
CA PRO B 18 -4.10 -16.07 -6.93
C PRO B 18 -4.35 -16.25 -5.44
N GLU B 19 -3.66 -17.20 -4.80
CA GLU B 19 -3.86 -17.49 -3.39
C GLU B 19 -3.62 -16.27 -2.51
N MET B 20 -2.74 -15.35 -2.93
CA MET B 20 -2.49 -14.15 -2.13
C MET B 20 -3.78 -13.37 -1.89
N PHE B 21 -4.70 -13.41 -2.84
CA PHE B 21 -5.87 -12.55 -2.69
C PHE B 21 -6.83 -13.07 -1.63
N ASP B 22 -6.60 -14.29 -1.12
CA ASP B 22 -7.32 -14.73 0.07
C ASP B 22 -7.16 -13.75 1.22
N ALA B 23 -6.10 -12.93 1.22
CA ALA B 23 -5.87 -11.98 2.31
C ALA B 23 -7.01 -10.97 2.44
N ILE B 24 -7.67 -10.62 1.34
CA ILE B 24 -8.77 -9.66 1.41
C ILE B 24 -10.15 -10.29 1.20
N THR B 25 -10.24 -11.45 0.55
CA THR B 25 -11.55 -12.09 0.39
C THR B 25 -11.94 -12.95 1.58
N ALA B 26 -11.03 -13.26 2.51
CA ALA B 26 -11.35 -14.16 3.61
C ALA B 26 -11.27 -13.51 4.99
N TYR B 27 -10.95 -12.21 5.09
CA TYR B 27 -10.73 -11.59 6.40
C TYR B 27 -11.26 -10.17 6.40
N GLY B 28 -11.74 -9.73 7.57
CA GLY B 28 -12.14 -8.36 7.80
C GLY B 28 -13.44 -7.96 7.10
N ILE B 29 -13.60 -6.64 6.94
CA ILE B 29 -14.81 -6.11 6.32
C ILE B 29 -14.85 -6.45 4.84
N SER B 30 -13.70 -6.46 4.16
CA SER B 30 -13.68 -6.85 2.76
C SER B 30 -14.10 -8.32 2.59
N GLY B 31 -13.67 -9.18 3.53
CA GLY B 31 -14.07 -10.58 3.46
C GLY B 31 -15.57 -10.77 3.65
N ARG B 32 -16.16 -10.05 4.60
CA ARG B 32 -17.60 -10.13 4.82
C ARG B 32 -18.36 -9.72 3.56
N ALA B 33 -17.84 -8.75 2.82
CA ALA B 33 -18.47 -8.33 1.57
C ALA B 33 -18.44 -9.43 0.52
N ALA B 34 -17.31 -10.14 0.42
CA ALA B 34 -17.19 -11.23 -0.54
C ALA B 34 -18.10 -12.40 -0.18
N LYS B 35 -18.17 -12.73 1.12
CA LYS B 35 -19.04 -13.80 1.57
C LYS B 35 -20.51 -13.42 1.40
N ARG B 36 -20.85 -12.15 1.55
CA ARG B 36 -22.21 -11.66 1.36
C ARG B 36 -22.54 -11.39 -0.10
N ASP B 37 -21.60 -11.64 -1.02
CA ASP B 37 -21.77 -11.48 -2.46
C ASP B 37 -22.00 -10.03 -2.88
N ILE B 38 -21.69 -9.07 -2.01
CA ILE B 38 -21.71 -7.67 -2.40
C ILE B 38 -20.65 -7.39 -3.46
N VAL B 39 -19.51 -8.07 -3.39
CA VAL B 39 -18.48 -8.01 -4.43
C VAL B 39 -18.08 -9.44 -4.81
N GLN B 40 -17.43 -9.55 -5.98
CA GLN B 40 -16.85 -10.82 -6.43
C GLN B 40 -15.45 -10.56 -6.96
N VAL B 41 -14.48 -11.37 -6.52
CA VAL B 41 -13.10 -11.27 -6.97
C VAL B 41 -12.73 -12.58 -7.65
N THR B 42 -12.31 -12.49 -8.91
CA THR B 42 -11.91 -13.64 -9.70
C THR B 42 -10.44 -13.51 -10.06
N CYS B 43 -9.67 -14.58 -9.85
CA CYS B 43 -8.25 -14.56 -10.15
C CYS B 43 -7.97 -15.32 -11.44
N ILE B 44 -7.16 -14.73 -12.31
CA ILE B 44 -6.74 -15.34 -13.56
C ILE B 44 -5.22 -15.42 -13.54
N ASN B 45 -4.70 -16.64 -13.71
CA ASN B 45 -3.27 -16.89 -13.68
C ASN B 45 -2.74 -16.91 -15.10
N PRO B 46 -1.82 -16.02 -15.45
CA PRO B 46 -1.29 -16.01 -16.82
C PRO B 46 -0.68 -17.35 -17.25
N ARG B 47 -0.24 -18.18 -16.31
CA ARG B 47 0.32 -19.48 -16.63
C ARG B 47 -0.70 -20.41 -17.30
N ASP B 48 -1.98 -20.13 -17.13
CA ASP B 48 -3.02 -20.90 -17.83
C ASP B 48 -3.17 -20.49 -19.29
N PHE B 49 -2.37 -19.54 -19.77
CA PHE B 49 -2.47 -19.06 -21.15
C PHE B 49 -1.12 -19.06 -21.86
N ALA B 50 -0.15 -19.85 -21.41
CA ALA B 50 1.17 -19.85 -22.01
C ALA B 50 1.32 -20.99 -23.01
N GLU B 51 2.32 -20.85 -23.87
CA GLU B 51 2.65 -21.86 -24.87
C GLU B 51 3.84 -22.70 -24.43
N ARG B 55 5.84 -24.02 -19.53
CA ARG B 55 4.78 -23.02 -19.47
C ARG B 55 5.32 -21.67 -19.01
N ARG B 56 6.27 -21.13 -19.77
CA ARG B 56 6.93 -19.90 -19.37
C ARG B 56 6.02 -18.69 -19.51
N VAL B 57 6.06 -17.79 -18.52
CA VAL B 57 5.36 -16.52 -18.57
C VAL B 57 6.28 -15.32 -18.42
N ASP B 58 7.58 -15.54 -18.21
CA ASP B 58 8.55 -14.45 -18.08
C ASP B 58 9.81 -14.83 -18.83
N GLU B 59 10.57 -13.80 -19.22
CA GLU B 59 11.74 -14.01 -20.06
C GLU B 59 12.73 -12.88 -19.85
N ARG B 60 13.94 -13.07 -20.36
CA ARG B 60 15.02 -12.11 -20.15
C ARG B 60 14.78 -10.86 -20.99
N PRO B 61 15.13 -9.68 -20.47
CA PRO B 61 14.86 -8.44 -21.21
C PRO B 61 15.85 -8.20 -22.35
N PHE B 62 15.31 -7.70 -23.46
CA PHE B 62 16.16 -7.21 -24.55
C PHE B 62 17.12 -6.15 -24.04
N GLY B 63 18.32 -6.14 -24.61
CA GLY B 63 19.39 -5.28 -24.14
C GLY B 63 20.19 -5.85 -22.99
N GLY B 64 19.91 -7.09 -22.57
CA GLY B 64 20.56 -7.62 -21.41
C GLY B 64 19.95 -6.99 -20.17
N GLY B 65 20.63 -7.19 -19.05
CA GLY B 65 20.15 -6.65 -17.81
C GLY B 65 19.56 -7.75 -16.94
N PRO B 66 19.57 -7.51 -15.63
CA PRO B 66 19.15 -8.56 -14.69
C PRO B 66 17.65 -8.79 -14.75
N GLY B 67 17.23 -9.88 -14.12
CA GLY B 67 15.82 -10.13 -13.89
C GLY B 67 15.06 -10.58 -15.12
N MET B 68 13.75 -10.71 -14.94
CA MET B 68 12.87 -11.22 -15.98
C MET B 68 11.73 -10.24 -16.21
N VAL B 69 11.19 -10.28 -17.43
CA VAL B 69 10.12 -9.41 -17.87
C VAL B 69 8.93 -10.30 -18.21
N MET B 70 7.75 -9.93 -17.73
CA MET B 70 6.57 -10.75 -18.02
C MET B 70 6.19 -10.64 -19.49
N MET B 71 5.93 -11.79 -20.10
CA MET B 71 5.67 -11.85 -21.52
C MET B 71 4.30 -11.30 -21.85
N ALA B 72 4.21 -10.63 -23.01
CA ALA B 72 2.99 -9.95 -23.41
C ALA B 72 1.88 -10.95 -23.78
N GLU B 73 2.23 -12.02 -24.50
CA GLU B 73 1.19 -12.85 -25.11
C GLU B 73 0.32 -13.56 -24.08
N PRO B 74 0.89 -14.16 -23.02
CA PRO B 74 0.01 -14.77 -22.00
C PRO B 74 -0.84 -13.72 -21.29
N LEU B 75 -0.29 -12.54 -21.05
CA LEU B 75 -1.08 -11.49 -20.42
C LEU B 75 -2.19 -10.99 -21.34
N ALA B 76 -1.91 -10.86 -22.64
CA ALA B 76 -2.94 -10.51 -23.60
C ALA B 76 -4.07 -11.51 -23.57
N LYS B 77 -3.74 -12.81 -23.62
CA LYS B 77 -4.78 -13.82 -23.53
C LYS B 77 -5.50 -13.74 -22.18
N ALA B 78 -4.75 -13.55 -21.10
CA ALA B 78 -5.38 -13.49 -19.78
C ALA B 78 -6.29 -12.27 -19.67
N ILE B 79 -5.85 -11.11 -20.17
CA ILE B 79 -6.66 -9.91 -20.09
C ILE B 79 -7.93 -10.05 -20.93
N ASN B 80 -7.82 -10.64 -22.13
CA ASN B 80 -9.02 -10.89 -22.93
C ASN B 80 -9.98 -11.83 -22.21
N HIS B 81 -9.46 -12.92 -21.63
CA HIS B 81 -10.32 -13.79 -20.85
C HIS B 81 -11.00 -13.00 -19.74
N ALA B 82 -10.22 -12.17 -19.04
CA ALA B 82 -10.79 -11.31 -18.01
C ALA B 82 -11.90 -10.42 -18.59
N LYS B 83 -11.70 -9.89 -19.79
CA LYS B 83 -12.71 -9.04 -20.41
C LYS B 83 -14.01 -9.81 -20.69
N GLN B 84 -13.89 -11.04 -21.20
CA GLN B 84 -15.10 -11.82 -21.46
C GLN B 84 -15.76 -12.26 -20.15
N LEU B 85 -14.95 -12.57 -19.13
CA LEU B 85 -15.51 -12.84 -17.81
C LEU B 85 -16.33 -11.66 -17.31
N ALA B 86 -15.85 -10.44 -17.57
CA ALA B 86 -16.54 -9.25 -17.09
C ALA B 86 -17.83 -8.99 -17.87
N SER B 87 -17.81 -9.23 -19.18
CA SER B 87 -19.02 -9.04 -19.97
C SER B 87 -20.09 -10.06 -19.57
N ARG B 88 -19.68 -11.31 -19.35
CA ARG B 88 -20.65 -12.31 -18.96
C ARG B 88 -21.22 -12.01 -17.58
N ALA B 89 -20.50 -11.24 -16.76
CA ALA B 89 -21.07 -10.78 -15.50
C ALA B 89 -22.02 -9.60 -15.68
N GLY B 90 -22.15 -9.07 -16.89
CA GLY B 90 -23.03 -7.94 -17.12
C GLY B 90 -22.40 -6.56 -16.94
N CYS B 91 -21.09 -6.48 -16.77
CA CYS B 91 -20.44 -5.19 -16.57
C CYS B 91 -20.36 -4.39 -17.86
N VAL B 92 -20.79 -3.13 -17.79
CA VAL B 92 -20.69 -2.24 -18.95
C VAL B 92 -19.32 -1.58 -19.03
N HIS B 93 -18.86 -0.96 -17.94
CA HIS B 93 -17.63 -0.19 -17.97
C HIS B 93 -16.63 -0.83 -17.03
N VAL B 94 -15.66 -1.55 -17.61
CA VAL B 94 -14.56 -2.12 -16.84
C VAL B 94 -13.25 -1.72 -17.50
N PRO B 95 -12.51 -0.80 -16.90
CA PRO B 95 -11.17 -0.49 -17.41
C PRO B 95 -10.18 -1.57 -16.99
N VAL B 96 -9.16 -1.73 -17.82
CA VAL B 96 -7.99 -2.52 -17.45
C VAL B 96 -7.02 -1.59 -16.74
N VAL B 97 -6.70 -1.90 -15.49
CA VAL B 97 -5.77 -1.14 -14.66
C VAL B 97 -4.49 -1.94 -14.47
N TYR B 98 -3.34 -1.31 -14.72
CA TYR B 98 -2.02 -1.90 -14.41
C TYR B 98 -1.45 -1.20 -13.18
N MET B 99 -1.15 -1.98 -12.15
CA MET B 99 -0.50 -1.43 -10.97
C MET B 99 0.98 -1.19 -11.27
N SER B 100 1.44 0.06 -11.12
CA SER B 100 2.83 0.37 -11.43
C SER B 100 3.26 1.63 -10.69
N PRO B 101 4.49 1.67 -10.17
CA PRO B 101 4.99 2.92 -9.53
C PRO B 101 5.14 4.06 -10.52
N GLN B 102 5.06 3.78 -11.81
CA GLN B 102 5.08 4.82 -12.82
C GLN B 102 3.69 5.32 -13.13
N GLY B 103 2.69 4.89 -12.38
CA GLY B 103 1.33 5.34 -12.59
C GLY B 103 1.00 6.57 -11.78
N LYS B 104 -0.21 7.06 -11.99
CA LYS B 104 -0.69 8.16 -11.17
C LYS B 104 -0.86 7.65 -9.75
N THR B 105 -0.63 8.53 -8.80
CA THR B 105 -0.63 8.10 -7.41
C THR B 105 -2.06 8.01 -6.92
N LEU B 106 -2.43 6.84 -6.43
CA LEU B 106 -3.74 6.62 -5.83
C LEU B 106 -3.92 7.56 -4.65
N ASN B 107 -5.11 8.13 -4.53
CA ASN B 107 -5.48 8.85 -3.32
C ASN B 107 -6.98 8.73 -3.12
N GLU B 108 -7.46 9.35 -2.05
CA GLU B 108 -8.86 9.21 -1.69
C GLU B 108 -9.78 9.78 -2.78
N GLN B 109 -9.40 10.90 -3.41
CA GLN B 109 -10.21 11.43 -4.51
C GLN B 109 -10.30 10.43 -5.65
N ALA B 110 -9.16 9.81 -6.01
CA ALA B 110 -9.16 8.78 -7.06
C ALA B 110 -10.02 7.58 -6.66
N VAL B 111 -9.91 7.14 -5.40
CA VAL B 111 -10.72 6.02 -4.91
C VAL B 111 -12.21 6.26 -5.13
N GLN B 112 -12.67 7.49 -4.84
CA GLN B 112 -14.08 7.81 -5.01
C GLN B 112 -14.51 7.62 -6.46
N GLN B 113 -13.61 7.96 -7.40
CA GLN B 113 -13.96 7.81 -8.81
C GLN B 113 -14.08 6.34 -9.20
N PHE B 114 -13.25 5.47 -8.61
CA PHE B 114 -13.31 4.04 -8.94
C PHE B 114 -14.66 3.45 -8.59
N VAL B 115 -15.30 3.95 -7.53
CA VAL B 115 -16.61 3.47 -7.11
C VAL B 115 -17.63 3.56 -8.24
N ASP B 116 -17.43 4.49 -9.18
CA ASP B 116 -18.37 4.65 -10.28
C ASP B 116 -18.32 3.55 -11.33
N TYR B 117 -17.28 2.73 -11.35
CA TYR B 117 -17.11 1.72 -12.41
C TYR B 117 -17.95 0.49 -12.11
N ASP B 118 -18.44 -0.16 -13.18
CA ASP B 118 -19.16 -1.43 -13.04
C ASP B 118 -18.28 -2.53 -12.47
N GLY B 119 -16.96 -2.38 -12.59
CA GLY B 119 -16.01 -3.39 -12.18
C GLY B 119 -14.65 -3.07 -12.73
N LEU B 120 -13.67 -3.85 -12.27
CA LEU B 120 -12.27 -3.62 -12.62
C LEU B 120 -11.60 -4.90 -13.07
N ILE B 121 -10.73 -4.77 -14.07
CA ILE B 121 -9.71 -5.74 -14.40
C ILE B 121 -8.37 -5.13 -13.99
N VAL B 122 -7.67 -5.79 -13.08
CA VAL B 122 -6.41 -5.30 -12.53
C VAL B 122 -5.27 -6.25 -12.88
N LEU B 123 -4.24 -5.72 -13.50
CA LEU B 123 -3.08 -6.49 -13.92
C LEU B 123 -1.96 -6.36 -12.89
N CYS B 124 -1.45 -7.49 -12.41
CA CYS B 124 -0.40 -7.54 -11.40
C CYS B 124 0.87 -8.02 -12.06
N GLY B 125 1.88 -7.17 -12.12
CA GLY B 125 3.15 -7.57 -12.66
C GLY B 125 4.04 -8.21 -11.60
N ARG B 126 5.08 -8.90 -12.05
CA ARG B 126 6.10 -9.45 -11.18
C ARG B 126 7.48 -9.22 -11.82
N TYR B 127 8.53 -9.53 -11.05
CA TYR B 127 9.93 -9.49 -11.51
C TYR B 127 10.28 -8.04 -11.91
N GLU B 128 10.95 -7.81 -13.05
CA GLU B 128 11.24 -6.46 -13.50
C GLU B 128 10.03 -5.77 -14.13
N GLY B 129 8.90 -6.47 -14.31
CA GLY B 129 7.73 -5.79 -14.79
C GLY B 129 7.16 -6.44 -16.01
N VAL B 130 6.30 -5.69 -16.69
CA VAL B 130 5.50 -6.17 -17.80
C VAL B 130 6.02 -5.56 -19.09
N ASP B 131 6.00 -6.35 -20.17
CA ASP B 131 6.40 -5.85 -21.48
C ASP B 131 5.63 -4.59 -21.84
N GLU B 132 6.36 -3.58 -22.33
CA GLU B 132 5.78 -2.27 -22.56
C GLU B 132 4.66 -2.33 -23.60
N ARG B 133 4.84 -3.14 -24.64
CA ARG B 133 3.84 -3.19 -25.71
C ARG B 133 2.52 -3.78 -25.23
N LEU B 134 2.56 -4.71 -24.27
CA LEU B 134 1.32 -5.21 -23.70
C LEU B 134 0.55 -4.09 -23.02
N ILE B 135 1.25 -3.24 -22.28
CA ILE B 135 0.60 -2.08 -21.66
C ILE B 135 -0.03 -1.21 -22.73
N GLN B 136 0.74 -0.87 -23.77
CA GLN B 136 0.26 0.04 -24.80
C GLN B 136 -1.08 -0.42 -25.38
N HIS B 137 -1.24 -1.72 -25.60
CA HIS B 137 -2.39 -2.21 -26.33
C HIS B 137 -3.56 -2.63 -25.45
N TYR B 138 -3.32 -3.01 -24.20
CA TYR B 138 -4.38 -3.61 -23.40
C TYR B 138 -4.73 -2.85 -22.12
N VAL B 139 -3.93 -1.86 -21.71
CA VAL B 139 -4.05 -1.24 -20.41
C VAL B 139 -4.65 0.15 -20.58
N ASP B 140 -5.69 0.45 -19.79
CA ASP B 140 -6.33 1.77 -19.88
C ASP B 140 -5.75 2.77 -18.91
N GLN B 141 -5.32 2.33 -17.73
CA GLN B 141 -4.85 3.20 -16.68
C GLN B 141 -3.71 2.54 -15.89
N GLU B 142 -2.77 3.37 -15.47
CA GLU B 142 -1.68 2.92 -14.60
C GLU B 142 -1.77 3.66 -13.29
N TRP B 143 -1.75 2.92 -12.20
CA TRP B 143 -1.87 3.50 -10.88
C TRP B 143 -0.75 3.00 -9.99
N SER B 144 -0.20 3.91 -9.21
CA SER B 144 0.78 3.64 -8.19
C SER B 144 0.16 3.84 -6.83
N ILE B 145 0.49 2.96 -5.87
CA ILE B 145 0.04 3.17 -4.50
C ILE B 145 1.03 3.98 -3.70
N GLY B 146 2.16 4.39 -4.29
CA GLY B 146 3.20 5.13 -3.60
C GLY B 146 4.54 5.06 -4.29
N ASP B 147 5.43 5.97 -3.90
CA ASP B 147 6.77 6.12 -4.49
C ASP B 147 7.79 5.16 -3.87
N TYR B 148 7.51 3.86 -4.02
CA TYR B 148 8.39 2.78 -3.56
C TYR B 148 8.13 1.59 -4.46
N VAL B 149 9.04 0.63 -4.44
CA VAL B 149 8.98 -0.53 -5.31
C VAL B 149 8.72 -1.75 -4.47
N LEU B 150 7.65 -2.48 -4.81
CA LEU B 150 7.30 -3.77 -4.24
C LEU B 150 7.71 -4.87 -5.21
N SER B 151 7.76 -6.10 -4.71
CA SER B 151 8.19 -7.21 -5.58
C SER B 151 7.11 -7.68 -6.53
N GLY B 152 5.88 -7.18 -6.41
CA GLY B 152 4.80 -7.60 -7.30
C GLY B 152 3.60 -6.69 -7.18
N GLY B 153 2.75 -6.74 -8.20
CA GLY B 153 1.56 -5.93 -8.19
C GLY B 153 0.39 -6.48 -7.39
N GLU B 154 0.53 -7.63 -6.72
CA GLU B 154 -0.62 -8.18 -6.00
C GLU B 154 -0.96 -7.33 -4.78
N LEU B 155 0.04 -6.95 -3.98
CA LEU B 155 -0.26 -6.11 -2.83
C LEU B 155 -0.85 -4.77 -3.26
N PRO B 156 -0.30 -4.07 -4.27
CA PRO B 156 -0.99 -2.86 -4.74
C PRO B 156 -2.41 -3.13 -5.23
N ALA B 157 -2.64 -4.22 -5.98
CA ALA B 157 -3.99 -4.55 -6.41
C ALA B 157 -4.92 -4.68 -5.21
N MET B 158 -4.46 -5.38 -4.16
CA MET B 158 -5.29 -5.56 -2.98
C MET B 158 -5.54 -4.24 -2.28
N VAL B 159 -4.53 -3.37 -2.23
CA VAL B 159 -4.68 -2.05 -1.62
C VAL B 159 -5.79 -1.28 -2.35
N LEU B 160 -5.75 -1.31 -3.68
CA LEU B 160 -6.76 -0.66 -4.48
C LEU B 160 -8.13 -1.29 -4.23
N LEU B 161 -8.20 -2.62 -4.23
CA LEU B 161 -9.50 -3.28 -4.05
C LEU B 161 -10.09 -2.97 -2.67
N ASP B 162 -9.29 -3.09 -1.61
CA ASP B 162 -9.75 -2.83 -0.25
C ASP B 162 -10.26 -1.39 -0.11
N SER B 163 -9.51 -0.44 -0.67
CA SER B 163 -9.88 0.96 -0.58
C SER B 163 -11.20 1.23 -1.26
N ILE B 164 -11.50 0.48 -2.33
CA ILE B 164 -12.76 0.65 -3.04
C ILE B 164 -13.89 -0.03 -2.28
N ILE B 165 -13.64 -1.26 -1.81
CA ILE B 165 -14.68 -2.09 -1.20
C ILE B 165 -15.28 -1.44 0.04
N ARG B 166 -14.45 -0.73 0.82
CA ARG B 166 -14.93 -0.15 2.07
C ARG B 166 -15.80 1.08 1.87
N ARG B 167 -15.88 1.61 0.66
CA ARG B 167 -16.75 2.72 0.34
C ARG B 167 -17.99 2.31 -0.45
N LEU B 168 -18.18 1.04 -0.70
CA LEU B 168 -19.37 0.60 -1.40
C LEU B 168 -20.55 0.57 -0.44
N PRO B 169 -21.74 0.90 -0.93
CA PRO B 169 -22.95 0.77 -0.10
C PRO B 169 -23.13 -0.64 0.44
N ASN B 170 -23.63 -0.73 1.68
CA ASN B 170 -23.90 -1.96 2.41
C ASN B 170 -22.63 -2.66 2.90
N VAL B 171 -21.48 -1.99 2.85
CA VAL B 171 -20.25 -2.53 3.39
C VAL B 171 -19.94 -1.92 4.77
N GLN B 176 -22.38 4.41 7.57
CA GLN B 176 -22.14 4.64 9.00
C GLN B 176 -20.81 5.35 9.26
N SER B 177 -19.75 4.58 9.47
CA SER B 177 -18.50 5.08 10.04
C SER B 177 -17.41 5.28 9.00
N ALA B 178 -17.74 5.91 7.87
CA ALA B 178 -16.74 6.28 6.88
C ALA B 178 -16.67 7.79 6.63
N ILE B 179 -17.63 8.56 7.15
CA ILE B 179 -17.59 10.02 7.00
C ILE B 179 -16.41 10.61 7.77
N GLN B 180 -15.97 9.96 8.85
CA GLN B 180 -14.92 10.49 9.72
C GLN B 180 -13.52 10.06 9.28
N ASP B 181 -13.37 9.55 8.06
CA ASP B 181 -12.07 9.12 7.55
C ASP B 181 -11.12 10.28 7.29
N SER B 182 -9.84 10.03 7.51
CA SER B 182 -8.78 10.91 7.02
C SER B 182 -8.99 11.23 5.54
N PHE B 183 -8.62 12.45 5.15
CA PHE B 183 -8.62 12.90 3.75
C PHE B 183 -10.03 13.06 3.18
N VAL B 184 -11.07 12.59 3.88
CA VAL B 184 -12.43 12.73 3.37
C VAL B 184 -12.79 14.21 3.22
N ASP B 185 -12.44 15.03 4.21
CA ASP B 185 -12.59 16.49 4.15
C ASP B 185 -11.25 17.19 3.96
N GLY B 186 -10.23 16.46 3.55
CA GLY B 186 -8.92 17.06 3.41
C GLY B 186 -8.11 17.16 4.68
N LEU B 187 -8.63 16.73 5.83
CA LEU B 187 -7.91 16.79 7.10
C LEU B 187 -7.66 15.38 7.64
N LEU B 188 -6.68 15.26 8.53
CA LEU B 188 -6.41 13.99 9.16
C LEU B 188 -7.41 13.74 10.29
N ASP B 189 -7.63 12.47 10.62
CA ASP B 189 -8.59 12.15 11.67
C ASP B 189 -8.04 12.57 13.05
N CYS B 190 -8.96 12.77 13.99
CA CYS B 190 -8.56 13.18 15.32
C CYS B 190 -8.31 11.97 16.21
N PRO B 191 -7.62 12.14 17.34
CA PRO B 191 -7.35 10.98 18.20
C PRO B 191 -8.63 10.39 18.80
N GLN B 192 -8.59 9.07 18.96
CA GLN B 192 -9.65 8.23 19.51
C GLN B 192 -9.26 7.69 20.88
N TYR B 193 -10.26 7.47 21.72
CA TYR B 193 -10.07 7.00 23.09
C TYR B 193 -11.16 6.00 23.44
N THR B 194 -10.82 4.99 24.25
CA THR B 194 -11.82 4.12 24.85
C THR B 194 -11.30 3.66 26.21
N LYS B 195 -12.07 2.80 26.88
CA LYS B 195 -11.73 2.36 28.23
C LYS B 195 -10.30 1.82 28.27
N PRO B 196 -9.56 2.05 29.36
CA PRO B 196 -10.03 2.58 30.65
C PRO B 196 -9.96 4.08 30.75
N ASP B 197 -10.59 4.64 31.79
CA ASP B 197 -10.56 6.09 32.01
C ASP B 197 -9.14 6.60 32.06
N GLN B 198 -8.25 5.84 32.69
CA GLN B 198 -6.85 6.22 32.77
C GLN B 198 -5.98 5.05 32.38
N PHE B 199 -5.02 5.30 31.49
CA PHE B 199 -4.07 4.30 31.01
C PHE B 199 -2.67 4.79 31.33
N GLU B 200 -1.97 4.10 32.22
CA GLU B 200 -0.56 4.43 32.49
C GLU B 200 -0.38 5.93 32.74
N GLY B 201 -1.25 6.50 33.58
CA GLY B 201 -1.20 7.90 33.94
C GLY B 201 -1.91 8.86 32.99
N LEU B 202 -2.37 8.43 31.83
CA LEU B 202 -2.98 9.34 30.86
C LEU B 202 -4.51 9.25 30.93
N ASP B 203 -5.16 10.41 31.07
CA ASP B 203 -6.63 10.44 31.14
C ASP B 203 -7.22 10.68 29.76
N VAL B 204 -8.45 10.22 29.59
CA VAL B 204 -9.22 10.69 28.43
C VAL B 204 -9.43 12.19 28.58
N PRO B 205 -9.29 12.98 27.53
CA PRO B 205 -9.69 14.39 27.61
C PRO B 205 -11.12 14.51 28.18
N GLU B 206 -11.29 15.46 29.10
CA GLU B 206 -12.57 15.56 29.80
C GLU B 206 -13.71 15.93 28.83
N ILE B 207 -13.42 16.72 27.77
CA ILE B 207 -14.44 17.02 26.77
C ILE B 207 -15.09 15.73 26.28
N LEU B 208 -14.28 14.71 25.96
CA LEU B 208 -14.90 13.50 25.45
C LEU B 208 -15.63 12.74 26.56
N LYS B 209 -15.09 12.79 27.79
CA LYS B 209 -15.69 12.02 28.86
C LYS B 209 -17.09 12.53 29.19
N SER B 210 -17.23 13.84 29.35
CA SER B 210 -18.48 14.35 29.85
C SER B 210 -19.02 15.51 29.03
N GLY B 211 -18.51 15.73 27.82
CA GLY B 211 -18.98 16.80 26.98
C GLY B 211 -20.31 16.46 26.33
N HIS B 212 -20.72 17.35 25.44
CA HIS B 212 -22.02 17.30 24.80
C HIS B 212 -21.82 17.63 23.33
N HIS B 213 -22.91 17.65 22.55
CA HIS B 213 -22.78 17.68 21.10
C HIS B 213 -21.90 18.84 20.62
N ALA B 214 -22.15 20.08 21.06
CA ALA B 214 -21.44 21.21 20.44
C ALA B 214 -19.97 21.23 20.83
N ASN B 215 -19.64 21.10 22.12
CA ASN B 215 -18.21 21.25 22.48
C ASN B 215 -17.39 20.03 22.06
N ILE B 216 -17.96 18.83 22.03
CA ILE B 216 -17.24 17.70 21.44
C ILE B 216 -16.98 17.93 19.95
N GLU B 217 -18.01 18.33 19.19
CA GLU B 217 -17.78 18.55 17.76
C GLU B 217 -16.72 19.64 17.54
N LYS B 218 -16.76 20.71 18.34
CA LYS B 218 -15.72 21.74 18.25
C LYS B 218 -14.33 21.16 18.51
N TRP B 219 -14.19 20.41 19.60
CA TRP B 219 -12.90 19.81 19.96
C TRP B 219 -12.39 18.86 18.88
N ARG B 220 -13.25 18.00 18.34
CA ARG B 220 -12.79 17.07 17.33
C ARG B 220 -12.25 17.81 16.12
N PHE B 221 -12.95 18.88 15.70
CA PHE B 221 -12.50 19.64 14.54
C PHE B 221 -11.16 20.33 14.81
N LEU B 222 -11.02 20.99 15.97
CA LEU B 222 -9.75 21.63 16.26
C LEU B 222 -8.60 20.60 16.32
N GLN B 223 -8.87 19.39 16.82
CA GLN B 223 -7.83 18.36 16.80
C GLN B 223 -7.48 17.95 15.38
N ARG B 224 -8.49 17.77 14.50
CA ARG B 224 -8.20 17.42 13.12
C ARG B 224 -7.36 18.50 12.44
N TYR B 225 -7.68 19.77 12.72
CA TYR B 225 -6.98 20.85 12.08
C TYR B 225 -5.54 20.95 12.58
N GLN B 226 -5.35 20.89 13.90
CA GLN B 226 -4.00 21.05 14.46
C GLN B 226 -3.11 19.89 14.04
N ARG B 227 -3.65 18.68 14.04
CA ARG B 227 -2.87 17.52 13.63
C ARG B 227 -2.44 17.63 12.17
N THR B 228 -3.36 18.05 11.30
CA THR B 228 -3.03 18.29 9.91
C THR B 228 -1.96 19.38 9.78
N LEU B 229 -2.06 20.45 10.56
CA LEU B 229 -1.07 21.51 10.49
C LEU B 229 0.31 21.02 10.94
N GLU B 230 0.35 20.24 12.03
CA GLU B 230 1.65 19.77 12.53
C GLU B 230 2.27 18.76 11.57
N ARG B 231 1.47 17.83 11.04
CA ARG B 231 2.00 16.70 10.31
C ARG B 231 1.98 16.87 8.80
N ARG B 232 0.96 17.52 8.26
CA ARG B 232 0.78 17.62 6.81
C ARG B 232 0.37 19.05 6.46
N PRO B 233 1.29 20.01 6.66
CA PRO B 233 0.90 21.43 6.49
C PRO B 233 0.47 21.80 5.09
N GLU B 234 0.94 21.11 4.05
CA GLU B 234 0.49 21.39 2.69
C GLU B 234 -0.98 21.08 2.48
N LEU B 235 -1.55 20.19 3.29
CA LEU B 235 -2.96 19.83 3.13
C LEU B 235 -3.89 20.95 3.57
N ILE B 236 -3.43 21.78 4.52
CA ILE B 236 -4.24 22.92 4.94
C ILE B 236 -4.50 23.86 3.78
N GLU B 237 -3.57 23.94 2.82
CA GLU B 237 -3.77 24.79 1.65
C GLU B 237 -5.04 24.42 0.89
N GLN B 238 -5.40 23.14 0.89
CA GLN B 238 -6.45 22.61 0.03
C GLN B 238 -7.73 22.29 0.79
N VAL B 239 -7.92 22.86 1.96
CA VAL B 239 -9.13 22.63 2.72
C VAL B 239 -9.98 23.90 2.65
N THR B 240 -11.29 23.73 2.54
CA THR B 240 -12.25 24.84 2.58
C THR B 240 -13.12 24.66 3.81
N LEU B 241 -13.23 25.70 4.62
CA LEU B 241 -13.85 25.58 5.93
C LEU B 241 -15.25 26.18 5.93
N THR B 242 -16.16 25.48 6.63
CA THR B 242 -17.48 26.06 6.89
C THR B 242 -17.32 27.28 7.78
N LYS B 243 -18.36 28.11 7.81
CA LYS B 243 -18.24 29.31 8.61
C LYS B 243 -18.17 28.93 10.09
N GLN B 244 -18.85 27.86 10.47
CA GLN B 244 -18.77 27.42 11.86
C GLN B 244 -17.35 27.03 12.22
N GLN B 245 -16.63 26.37 11.30
CA GLN B 245 -15.25 25.99 11.56
C GLN B 245 -14.35 27.22 11.58
N LYS B 246 -14.56 28.13 10.63
CA LYS B 246 -13.84 29.39 10.66
C LYS B 246 -14.05 30.13 11.99
N LYS B 247 -15.29 30.15 12.50
CA LYS B 247 -15.53 30.76 13.81
C LYS B 247 -14.74 30.04 14.90
N TRP B 248 -14.75 28.70 14.89
CA TRP B 248 -14.06 27.94 15.93
C TRP B 248 -12.57 28.25 15.95
N LEU B 249 -11.95 28.33 14.78
CA LEU B 249 -10.52 28.64 14.70
C LEU B 249 -10.23 30.01 15.29
N SER B 250 -10.97 31.03 14.85
CA SER B 250 -10.74 32.38 15.34
C SER B 250 -10.98 32.48 16.85
N ASP B 251 -11.86 31.64 17.39
CA ASP B 251 -12.09 31.57 18.83
C ASP B 251 -10.85 31.07 19.58
N GLU B 252 -9.89 30.47 18.89
CA GLU B 252 -8.64 30.04 19.52
C GLU B 252 -7.56 31.10 19.27
N GLN B 253 -7.11 31.20 18.01
CA GLN B 253 -6.13 32.21 17.61
C GLN B 253 -6.64 33.63 17.89
#